data_4RG0
#
_entry.id   4RG0
#
_cell.length_a   71.937
_cell.length_b   106.339
_cell.length_c   38.429
_cell.angle_alpha   90.00
_cell.angle_beta   90.00
_cell.angle_gamma   90.00
#
_symmetry.space_group_name_H-M   'P 21 21 2'
#
loop_
_entity.id
_entity.type
_entity.pdbx_description
1 polymer 'Tyrosine-protein kinase BTK'
2 non-polymer 2-{8-fluoro-2-[2-(hydroxymethyl)-3-(1-methyl-5-{[5-(4-methylpiperazin-1-yl)pyridin-2-yl]amino}-6-oxo-1,6-dihydropyridin-3-yl)phenyl]-1-oxo-1,2,3,4-tetrahydroisoquinolin-6-yl}-2-methylpropanenitrile
3 water water
#
_entity_poly.entity_id   1
_entity_poly.type   'polypeptide(L)'
_entity_poly.pdbx_seq_one_letter_code
;GSQQNKNAPSTAGLGYGSWEIDPKDLTFLKELGTGQFGVVKYGKWRGQYDVAIKMIKEGSMSEDEFIEEAKVMMNLSHEK
LVQLYGVCTKQRPIFIITEYMANGCLLNYLREARHAFQTQQLLEMCKDVCEAMEYLESKQFLHRDLAARNCLVNDQGVVK
VSDFGLSRYVLDDEYTSSVGSKFPVRWSPPEVLMYSKFSSKSDIWAFGVLMWEIYSLGKMPYERFTNSETAEHIAQGLRL
YRPHLASAAVYTIMYSCWHEKADERPTFKILLSNILDVMDEES
;
_entity_poly.pdbx_strand_id   A
#
loop_
_chem_comp.id
_chem_comp.type
_chem_comp.name
_chem_comp.formula
3P0 non-polymer 2-{8-fluoro-2-[2-(hydroxymethyl)-3-(1-methyl-5-{[5-(4-methylpiperazin-1-yl)pyridin-2-yl]amino}-6-oxo-1,6-dihydropyridin-3-yl)phenyl]-1-oxo-1,2,3,4-tetrahydroisoquinolin-6-yl}-2-methylpropanenitrile 'C36 H38 F N7 O3'
#
# COMPACT_ATOMS: atom_id res chain seq x y z
N GLU A 20 8.07 22.29 -4.47
CA GLU A 20 7.17 23.48 -4.35
C GLU A 20 6.60 23.96 -5.70
N ILE A 21 5.46 23.37 -6.06
CA ILE A 21 4.71 23.70 -7.26
C ILE A 21 3.89 24.97 -6.99
N ASP A 22 3.85 25.87 -7.98
CA ASP A 22 2.98 27.02 -7.94
C ASP A 22 1.55 26.57 -8.23
N PRO A 23 0.61 26.95 -7.35
CA PRO A 23 -0.81 26.60 -7.52
C PRO A 23 -1.46 27.08 -8.84
N LYS A 24 -0.87 28.11 -9.47
CA LYS A 24 -1.31 28.59 -10.79
C LYS A 24 -1.18 27.51 -11.88
N ASP A 25 -0.19 26.65 -11.71
CA ASP A 25 0.04 25.53 -12.61
C ASP A 25 -0.96 24.37 -12.40
N LEU A 26 -1.93 24.56 -11.49
CA LEU A 26 -2.95 23.53 -11.24
C LEU A 26 -4.38 23.94 -11.63
N THR A 27 -5.04 23.06 -12.37
CA THR A 27 -6.47 23.20 -12.59
C THR A 27 -7.13 21.95 -12.01
N PHE A 28 -8.24 22.15 -11.32
CA PHE A 28 -9.01 21.05 -10.72
C PHE A 28 -10.15 20.71 -11.65
N LEU A 29 -10.25 19.43 -12.03
CA LEU A 29 -11.23 18.98 -13.04
C LEU A 29 -12.40 18.12 -12.52
N LYS A 30 -12.09 17.07 -11.76
CA LYS A 30 -13.09 16.17 -11.18
C LYS A 30 -12.67 15.67 -9.80
N GLU A 31 -13.60 15.06 -9.08
CA GLU A 31 -13.30 14.46 -7.79
C GLU A 31 -12.98 12.97 -7.94
N LEU A 32 -11.97 12.51 -7.21
CA LEU A 32 -11.61 11.10 -7.23
C LEU A 32 -12.13 10.39 -6.00
N GLY A 33 -12.09 11.08 -4.86
CA GLY A 33 -12.68 10.53 -3.65
C GLY A 33 -12.20 11.21 -2.41
N THR A 34 -12.26 10.47 -1.30
CA THR A 34 -11.84 10.94 0.01
C THR A 34 -10.92 9.89 0.69
N GLY A 35 -9.78 10.31 1.22
CA GLY A 35 -8.93 9.41 2.03
C GLY A 35 -8.70 9.92 3.44
N GLN A 36 -7.68 9.39 4.11
CA GLN A 36 -7.35 9.78 5.48
C GLN A 36 -7.10 11.30 5.68
N PHE A 37 -6.77 12.00 4.60
CA PHE A 37 -6.53 13.45 4.70
C PHE A 37 -7.60 14.27 4.00
N GLY A 38 -8.62 13.60 3.47
CA GLY A 38 -9.78 14.31 2.93
C GLY A 38 -9.92 14.12 1.45
N VAL A 39 -10.38 15.15 0.75
CA VAL A 39 -10.72 15.04 -0.67
C VAL A 39 -9.47 14.93 -1.57
N VAL A 40 -9.51 14.04 -2.57
CA VAL A 40 -8.47 13.92 -3.56
C VAL A 40 -9.09 14.20 -4.94
N LYS A 41 -8.47 15.13 -5.68
CA LYS A 41 -8.99 15.55 -6.98
C LYS A 41 -8.13 15.15 -8.18
N TYR A 42 -8.79 14.90 -9.32
CA TYR A 42 -8.08 14.81 -10.59
C TYR A 42 -8.03 16.19 -11.28
N GLY A 43 -6.95 16.45 -12.01
CA GLY A 43 -6.79 17.73 -12.74
C GLY A 43 -5.53 17.77 -13.59
N LYS A 44 -5.25 18.93 -14.18
CA LYS A 44 -4.06 19.06 -15.00
C LYS A 44 -2.94 19.89 -14.35
N TRP A 45 -1.70 19.41 -14.48
CA TRP A 45 -0.53 20.18 -14.06
C TRP A 45 0.21 20.78 -15.24
N ARG A 46 0.38 22.10 -15.22
CA ARG A 46 0.98 22.86 -16.33
C ARG A 46 0.15 22.74 -17.61
N GLY A 47 -1.16 22.60 -17.44
CA GLY A 47 -2.11 22.36 -18.54
C GLY A 47 -1.86 21.16 -19.44
N GLN A 48 -1.25 20.10 -18.93
CA GLN A 48 -0.88 18.96 -19.78
C GLN A 48 -0.85 17.61 -19.07
N TYR A 49 -0.25 17.57 -17.89
CA TYR A 49 0.00 16.31 -17.18
C TYR A 49 -1.16 15.94 -16.27
N ASP A 50 -1.60 14.69 -16.37
CA ASP A 50 -2.65 14.20 -15.49
C ASP A 50 -2.09 14.11 -14.08
N VAL A 51 -2.86 14.62 -13.11
CA VAL A 51 -2.46 14.51 -11.72
C VAL A 51 -3.62 14.17 -10.75
N ALA A 52 -3.26 13.57 -9.62
CA ALA A 52 -4.12 13.56 -8.44
C ALA A 52 -3.62 14.60 -7.43
N ILE A 53 -4.54 15.42 -6.92
CA ILE A 53 -4.19 16.50 -5.98
C ILE A 53 -4.92 16.33 -4.64
N LYS A 54 -4.18 15.92 -3.60
CA LYS A 54 -4.73 15.83 -2.26
C LYS A 54 -4.96 17.23 -1.68
N MET A 55 -6.18 17.48 -1.24
CA MET A 55 -6.47 18.68 -0.52
C MET A 55 -6.56 18.29 0.96
N ILE A 56 -5.51 18.63 1.70
CA ILE A 56 -5.33 18.19 3.07
C ILE A 56 -6.32 18.89 3.99
N LYS A 57 -7.33 18.16 4.46
CA LYS A 57 -8.23 18.66 5.49
C LYS A 57 -7.41 19.19 6.67
N GLU A 58 -7.64 20.45 7.08
CA GLU A 58 -6.91 21.03 8.22
C GLU A 58 -7.14 20.26 9.53
N GLY A 59 -6.06 19.91 10.22
CA GLY A 59 -6.15 19.16 11.46
C GLY A 59 -6.05 17.65 11.30
N SER A 60 -5.99 17.18 10.06
CA SER A 60 -5.87 15.74 9.77
C SER A 60 -4.40 15.27 9.69
N MET A 61 -3.48 16.23 9.55
CA MET A 61 -2.05 15.95 9.35
C MET A 61 -1.11 16.76 10.27
N SER A 62 0.02 16.16 10.64
CA SER A 62 1.15 16.94 11.16
C SER A 62 1.79 17.63 9.98
N GLU A 63 1.32 18.83 9.67
CA GLU A 63 1.66 19.46 8.40
C GLU A 63 3.11 19.90 8.34
N ASP A 64 3.61 20.55 9.39
CA ASP A 64 5.00 21.02 9.41
C ASP A 64 6.02 19.90 9.30
N GLU A 65 5.73 18.78 9.96
CA GLU A 65 6.59 17.60 9.94
C GLU A 65 6.62 16.98 8.57
N PHE A 66 5.44 16.80 7.99
CA PHE A 66 5.30 16.32 6.62
C PHE A 66 6.09 17.16 5.59
N ILE A 67 5.88 18.47 5.62
CA ILE A 67 6.67 19.45 4.83
C ILE A 67 8.19 19.25 5.03
N GLU A 68 8.65 19.17 6.29
CA GLU A 68 10.08 18.94 6.62
C GLU A 68 10.58 17.68 5.90
N GLU A 69 9.81 16.60 6.00
CA GLU A 69 10.25 15.29 5.52
C GLU A 69 9.81 14.95 4.09
N ALA A 70 9.00 15.81 3.48
CA ALA A 70 8.58 15.65 2.08
C ALA A 70 9.72 15.61 1.05
N LYS A 71 10.86 16.23 1.37
CA LYS A 71 12.02 16.30 0.46
C LYS A 71 12.59 14.90 0.25
N VAL A 72 12.60 14.12 1.33
CA VAL A 72 13.00 12.73 1.29
C VAL A 72 12.10 11.92 0.34
N MET A 73 10.79 12.10 0.51
CA MET A 73 9.77 11.34 -0.25
C MET A 73 9.69 11.73 -1.72
N MET A 74 10.44 12.75 -2.11
CA MET A 74 10.41 13.20 -3.48
C MET A 74 11.55 12.59 -4.25
N ASN A 75 12.59 12.19 -3.51
CA ASN A 75 13.73 11.45 -4.05
C ASN A 75 13.41 9.97 -4.27
N LEU A 76 12.33 9.49 -3.63
CA LEU A 76 11.87 8.11 -3.82
C LEU A 76 11.15 8.00 -5.16
N SER A 77 11.90 7.53 -6.16
CA SER A 77 11.47 7.49 -7.56
C SER A 77 11.61 6.08 -8.09
N HIS A 78 10.51 5.51 -8.55
CA HIS A 78 10.53 4.12 -9.03
C HIS A 78 9.35 3.91 -9.95
N GLU A 79 9.56 3.08 -10.97
CA GLU A 79 8.53 2.73 -11.96
C GLU A 79 7.23 2.26 -11.29
N LYS A 80 7.35 1.65 -10.10
CA LYS A 80 6.21 1.00 -9.42
C LYS A 80 5.77 1.68 -8.11
N LEU A 81 6.33 2.86 -7.82
CA LEU A 81 5.82 3.75 -6.76
C LEU A 81 5.03 4.91 -7.34
N VAL A 82 3.85 5.20 -6.78
CA VAL A 82 3.07 6.40 -7.17
C VAL A 82 3.93 7.64 -6.89
N GLN A 83 4.33 8.32 -7.95
CA GLN A 83 5.33 9.39 -7.86
C GLN A 83 4.76 10.67 -7.29
N LEU A 84 5.44 11.17 -6.26
CA LEU A 84 5.20 12.52 -5.72
C LEU A 84 5.88 13.59 -6.60
N TYR A 85 5.06 14.46 -7.19
CA TYR A 85 5.51 15.47 -8.13
C TYR A 85 5.92 16.75 -7.44
N GLY A 86 5.25 17.08 -6.34
CA GLY A 86 5.55 18.30 -5.59
C GLY A 86 4.45 18.62 -4.57
N VAL A 87 4.68 19.66 -3.78
CA VAL A 87 3.71 20.15 -2.80
C VAL A 87 3.37 21.62 -3.02
N CYS A 88 2.28 22.07 -2.40
CA CYS A 88 1.94 23.49 -2.33
C CYS A 88 1.69 23.76 -0.85
N THR A 89 2.59 24.53 -0.22
CA THR A 89 2.56 24.70 1.25
C THR A 89 2.51 26.14 1.75
N LYS A 90 2.26 27.08 0.84
CA LYS A 90 2.24 28.49 1.19
C LYS A 90 0.81 29.04 1.20
N GLN A 91 -0.12 28.16 1.59
CA GLN A 91 -1.56 28.37 1.53
C GLN A 91 -2.15 27.31 2.44
N ARG A 92 -3.43 27.42 2.75
CA ARG A 92 -4.12 26.39 3.52
C ARG A 92 -5.53 26.24 2.94
N PRO A 93 -5.94 25.00 2.62
CA PRO A 93 -5.22 23.74 2.86
C PRO A 93 -4.00 23.55 1.95
N ILE A 94 -3.01 22.78 2.41
CA ILE A 94 -1.85 22.41 1.58
C ILE A 94 -2.22 21.36 0.50
N PHE A 95 -1.42 21.26 -0.55
CA PHE A 95 -1.66 20.25 -1.61
C PHE A 95 -0.54 19.23 -1.71
N ILE A 96 -0.88 17.98 -2.02
CA ILE A 96 0.12 17.01 -2.42
C ILE A 96 -0.21 16.55 -3.84
N ILE A 97 0.72 16.82 -4.76
CA ILE A 97 0.50 16.56 -6.18
C ILE A 97 1.16 15.24 -6.46
N THR A 98 0.41 14.32 -7.07
CA THR A 98 0.98 13.00 -7.35
C THR A 98 0.62 12.49 -8.74
N GLU A 99 1.41 11.54 -9.22
CA GLU A 99 1.09 10.76 -10.42
C GLU A 99 -0.37 10.25 -10.40
N TYR A 100 -1.03 10.27 -11.56
CA TYR A 100 -2.43 9.87 -11.68
C TYR A 100 -2.65 8.44 -12.16
N MET A 101 -3.49 7.69 -11.44
CA MET A 101 -3.74 6.28 -11.73
C MET A 101 -5.17 6.03 -12.18
N ALA A 102 -5.36 5.91 -13.50
CA ALA A 102 -6.70 5.94 -14.13
C ALA A 102 -7.76 4.93 -13.61
N ASN A 103 -7.32 3.72 -13.25
CA ASN A 103 -8.23 2.66 -12.79
C ASN A 103 -8.32 2.55 -11.30
N GLY A 104 -7.74 3.53 -10.62
CA GLY A 104 -7.84 3.69 -9.17
C GLY A 104 -7.31 2.56 -8.31
N CYS A 105 -8.11 2.21 -7.31
CA CYS A 105 -7.73 1.44 -6.14
C CYS A 105 -7.68 -0.05 -6.44
N LEU A 106 -6.59 -0.73 -6.05
CA LEU A 106 -6.40 -2.15 -6.43
C LEU A 106 -7.48 -3.05 -5.84
N LEU A 107 -7.89 -2.75 -4.61
CA LEU A 107 -8.90 -3.52 -3.91
C LEU A 107 -10.22 -3.59 -4.69
N ASN A 108 -10.72 -2.43 -5.11
CA ASN A 108 -11.91 -2.35 -5.95
C ASN A 108 -11.72 -3.03 -7.31
N TYR A 109 -10.55 -2.81 -7.91
CA TYR A 109 -10.16 -3.40 -9.16
C TYR A 109 -10.23 -4.96 -9.06
N LEU A 110 -9.66 -5.51 -7.98
CA LEU A 110 -9.75 -6.96 -7.71
C LEU A 110 -11.20 -7.47 -7.57
N ARG A 111 -12.07 -6.63 -7.01
CA ARG A 111 -13.42 -7.04 -6.70
C ARG A 111 -14.34 -7.02 -7.90
N GLU A 112 -13.93 -6.36 -8.98
CA GLU A 112 -14.74 -6.35 -10.20
C GLU A 112 -14.54 -7.64 -11.01
N ALA A 113 -15.60 -8.46 -11.05
CA ALA A 113 -15.59 -9.82 -11.65
C ALA A 113 -15.46 -9.83 -13.19
N ARG A 114 -15.84 -8.72 -13.83
CA ARG A 114 -15.76 -8.59 -15.29
C ARG A 114 -14.33 -8.71 -15.86
N HIS A 115 -13.34 -8.36 -15.03
CA HIS A 115 -11.96 -8.48 -15.42
C HIS A 115 -11.53 -9.93 -15.66
N ALA A 116 -12.17 -10.83 -14.91
CA ALA A 116 -12.00 -12.27 -15.10
C ALA A 116 -10.53 -12.58 -15.30
N PHE A 117 -9.76 -12.15 -14.30
CA PHE A 117 -8.32 -12.25 -14.26
C PHE A 117 -7.84 -13.68 -14.43
N GLN A 118 -6.74 -13.83 -15.15
CA GLN A 118 -5.98 -15.08 -15.16
C GLN A 118 -4.99 -15.04 -14.00
N THR A 119 -4.62 -16.21 -13.49
CA THR A 119 -3.65 -16.29 -12.38
C THR A 119 -2.28 -15.65 -12.69
N GLN A 120 -1.89 -15.63 -13.96
CA GLN A 120 -0.68 -14.91 -14.41
C GLN A 120 -0.78 -13.39 -14.23
N GLN A 121 -1.97 -12.84 -14.51
CA GLN A 121 -2.24 -11.44 -14.30
C GLN A 121 -2.26 -11.12 -12.83
N LEU A 122 -2.61 -12.11 -12.02
CA LEU A 122 -2.62 -11.93 -10.57
C LEU A 122 -1.19 -11.88 -10.04
N LEU A 123 -0.36 -12.82 -10.50
CA LEU A 123 1.07 -12.85 -10.14
C LEU A 123 1.78 -11.61 -10.66
N GLU A 124 1.36 -11.18 -11.86
CA GLU A 124 1.82 -9.93 -12.43
C GLU A 124 1.61 -8.77 -11.44
N MET A 125 0.43 -8.69 -10.82
CA MET A 125 0.15 -7.64 -9.84
C MET A 125 1.02 -7.72 -8.58
N CYS A 126 1.36 -8.94 -8.16
CA CYS A 126 2.26 -9.18 -7.02
C CYS A 126 3.70 -8.75 -7.30
N LYS A 127 4.14 -8.95 -8.54
CA LYS A 127 5.51 -8.62 -8.95
C LYS A 127 5.71 -7.12 -8.97
N ASP A 128 4.70 -6.39 -9.43
CA ASP A 128 4.67 -4.91 -9.39
C ASP A 128 4.83 -4.35 -7.95
N VAL A 129 4.00 -4.80 -7.02
CA VAL A 129 4.06 -4.31 -5.63
C VAL A 129 5.40 -4.65 -4.97
N CYS A 130 5.87 -5.87 -5.22
CA CYS A 130 7.12 -6.38 -4.71
C CYS A 130 8.30 -5.57 -5.23
N GLU A 131 8.25 -5.18 -6.52
CA GLU A 131 9.30 -4.34 -7.16
C GLU A 131 9.41 -2.99 -6.46
N ALA A 132 8.26 -2.39 -6.16
CA ALA A 132 8.21 -1.12 -5.45
C ALA A 132 8.73 -1.25 -4.01
N MET A 133 8.41 -2.35 -3.34
CA MET A 133 8.75 -2.55 -1.94
C MET A 133 10.22 -2.85 -1.79
N GLU A 134 10.74 -3.60 -2.76
CA GLU A 134 12.17 -3.87 -2.89
C GLU A 134 12.99 -2.55 -2.85
N TYR A 135 12.59 -1.58 -3.70
CA TYR A 135 13.16 -0.24 -3.70
C TYR A 135 13.04 0.52 -2.37
N LEU A 136 11.86 0.46 -1.73
CA LEU A 136 11.72 1.14 -0.44
C LEU A 136 12.63 0.48 0.57
N GLU A 137 12.65 -0.86 0.58
CA GLU A 137 13.49 -1.62 1.50
C GLU A 137 14.95 -1.23 1.35
N SER A 138 15.42 -1.05 0.11
CA SER A 138 16.80 -0.63 -0.15
C SER A 138 17.09 0.73 0.48
N LYS A 139 16.11 1.64 0.34
CA LYS A 139 16.19 3.00 0.90
C LYS A 139 15.84 3.02 2.37
N GLN A 140 15.65 1.82 2.93
CA GLN A 140 15.31 1.60 4.34
C GLN A 140 14.13 2.46 4.79
N PHE A 141 13.14 2.55 3.91
CA PHE A 141 11.98 3.40 4.08
C PHE A 141 10.73 2.50 4.26
N LEU A 142 10.08 2.61 5.41
CA LEU A 142 8.93 1.76 5.69
C LEU A 142 7.59 2.35 5.22
N HIS A 143 6.77 1.51 4.59
CA HIS A 143 5.43 1.92 4.21
C HIS A 143 4.54 2.06 5.44
N ARG A 144 4.45 0.97 6.22
CA ARG A 144 3.64 0.86 7.46
C ARG A 144 2.15 0.60 7.27
N ASP A 145 1.68 0.62 6.03
CA ASP A 145 0.27 0.40 5.73
C ASP A 145 0.08 -0.20 4.33
N LEU A 146 0.86 -1.24 4.03
CA LEU A 146 0.77 -1.90 2.72
C LEU A 146 -0.44 -2.84 2.67
N ALA A 147 -1.37 -2.56 1.75
CA ALA A 147 -2.62 -3.32 1.60
C ALA A 147 -3.16 -2.92 0.24
N ALA A 148 -4.02 -3.76 -0.35
CA ALA A 148 -4.57 -3.50 -1.66
C ALA A 148 -5.30 -2.15 -1.73
N ARG A 149 -5.82 -1.69 -0.58
CA ARG A 149 -6.52 -0.41 -0.51
C ARG A 149 -5.56 0.77 -0.73
N ASN A 150 -4.27 0.51 -0.55
CA ASN A 150 -3.21 1.53 -0.58
C ASN A 150 -2.29 1.32 -1.78
N CYS A 151 -2.83 0.66 -2.79
CA CYS A 151 -2.16 0.43 -4.08
C CYS A 151 -3.11 0.88 -5.18
N LEU A 152 -2.52 1.31 -6.31
CA LEU A 152 -3.28 1.87 -7.41
C LEU A 152 -2.98 1.21 -8.77
N VAL A 153 -3.97 1.31 -9.68
CA VAL A 153 -3.90 0.68 -11.01
C VAL A 153 -4.00 1.73 -12.10
N ASN A 154 -2.99 1.83 -12.95
CA ASN A 154 -3.00 2.79 -14.04
C ASN A 154 -3.68 2.24 -15.29
N ASP A 155 -3.77 3.07 -16.32
CA ASP A 155 -4.47 2.74 -17.58
C ASP A 155 -3.90 1.50 -18.32
N GLN A 156 -2.74 1.00 -17.89
CA GLN A 156 -2.11 -0.20 -18.52
C GLN A 156 -2.27 -1.47 -17.68
N GLY A 157 -2.97 -1.39 -16.54
CA GLY A 157 -3.12 -2.52 -15.63
C GLY A 157 -1.94 -2.70 -14.68
N VAL A 158 -1.01 -1.74 -14.69
CA VAL A 158 0.17 -1.76 -13.84
C VAL A 158 -0.24 -1.32 -12.45
N VAL A 159 0.20 -2.07 -11.44
CA VAL A 159 -0.07 -1.74 -10.04
C VAL A 159 1.09 -0.96 -9.40
N LYS A 160 0.76 0.12 -8.74
CA LYS A 160 1.75 0.88 -8.02
C LYS A 160 1.34 1.11 -6.57
N VAL A 161 2.36 1.17 -5.71
CA VAL A 161 2.21 1.43 -4.28
C VAL A 161 2.07 2.92 -3.98
N SER A 162 1.02 3.25 -3.24
CA SER A 162 0.62 4.63 -2.99
C SER A 162 0.84 5.03 -1.50
N ASP A 163 0.82 6.34 -1.22
CA ASP A 163 0.77 6.84 0.15
C ASP A 163 1.79 6.20 1.12
N PHE A 164 2.87 5.64 0.56
CA PHE A 164 4.01 5.13 1.32
C PHE A 164 4.61 6.16 2.27
N GLY A 165 4.66 5.82 3.56
CA GLY A 165 5.32 6.67 4.55
C GLY A 165 4.47 7.75 5.21
N LEU A 166 3.25 7.93 4.68
CA LEU A 166 2.36 9.01 5.16
C LEU A 166 1.63 8.73 6.49
N SER A 167 1.74 7.48 6.98
CA SER A 167 1.15 7.05 8.25
C SER A 167 1.68 7.85 9.47
N ARG A 168 2.97 8.23 9.41
CA ARG A 168 3.63 9.04 10.45
C ARG A 168 3.03 10.43 10.74
N TYR A 169 2.17 10.92 9.84
CA TYR A 169 1.66 12.30 9.89
C TYR A 169 0.17 12.37 10.12
N VAL A 170 -0.46 11.21 10.26
CA VAL A 170 -1.89 11.09 10.58
C VAL A 170 -2.19 11.53 12.02
N LEU A 171 -3.21 12.37 12.15
CA LEU A 171 -3.61 12.85 13.45
C LEU A 171 -4.95 12.26 13.91
N ASP A 172 -5.24 11.04 13.48
CA ASP A 172 -6.43 10.29 13.92
C ASP A 172 -6.03 9.11 14.86
N ASP A 173 -6.50 9.15 16.12
CA ASP A 173 -6.20 8.11 17.11
C ASP A 173 -6.90 6.77 16.89
N GLU A 174 -7.87 6.72 15.99
CA GLU A 174 -8.50 5.45 15.62
C GLU A 174 -7.61 4.72 14.63
N TYR A 175 -6.74 5.46 13.97
CA TYR A 175 -5.81 4.89 13.01
C TYR A 175 -4.45 4.55 13.61
N THR A 176 -3.88 5.46 14.38
CA THR A 176 -2.50 5.34 14.83
C THR A 176 -2.34 4.50 16.11
N SER A 177 -3.46 4.21 16.77
CA SER A 177 -3.46 3.32 17.96
C SER A 177 -3.84 1.85 17.62
N SER A 178 -3.09 0.93 18.23
CA SER A 178 -3.30 -0.52 18.14
C SER A 178 -4.77 -0.90 18.34
N VAL A 179 -5.41 -0.27 19.34
CA VAL A 179 -6.82 -0.55 19.67
C VAL A 179 -7.83 0.21 18.82
N GLY A 180 -7.33 1.06 17.92
CA GLY A 180 -8.21 1.88 17.06
C GLY A 180 -9.03 1.10 16.04
N SER A 181 -10.07 1.75 15.54
CA SER A 181 -11.01 1.10 14.63
C SER A 181 -10.46 1.06 13.20
N LYS A 182 -9.53 1.97 12.92
CA LYS A 182 -8.88 2.10 11.60
C LYS A 182 -7.46 1.53 11.51
N PHE A 183 -6.94 0.92 12.57
CA PHE A 183 -5.58 0.35 12.51
C PHE A 183 -5.51 -0.89 11.58
N PRO A 184 -4.45 -1.00 10.74
CA PRO A 184 -4.31 -2.19 9.85
C PRO A 184 -3.97 -3.51 10.59
N VAL A 185 -4.89 -3.98 11.44
CA VAL A 185 -4.70 -5.19 12.28
C VAL A 185 -4.42 -6.42 11.42
N ARG A 186 -5.29 -6.71 10.46
CA ARG A 186 -5.19 -7.91 9.61
C ARG A 186 -3.96 -7.96 8.67
N TRP A 187 -3.21 -6.86 8.60
CA TRP A 187 -1.97 -6.76 7.78
C TRP A 187 -0.71 -6.68 8.67
N SER A 188 -0.93 -6.73 10.01
CA SER A 188 0.11 -6.49 11.02
C SER A 188 0.59 -7.78 11.69
N PRO A 189 1.93 -8.00 11.75
CA PRO A 189 2.52 -9.16 12.43
C PRO A 189 2.36 -9.06 13.94
N PRO A 190 2.50 -10.20 14.67
CA PRO A 190 2.23 -10.17 16.12
C PRO A 190 3.08 -9.13 16.87
N GLU A 191 4.36 -9.01 16.49
CA GLU A 191 5.32 -8.11 17.18
C GLU A 191 4.87 -6.64 17.11
N VAL A 192 4.18 -6.29 16.03
CA VAL A 192 3.60 -4.96 15.89
C VAL A 192 2.44 -4.80 16.88
N LEU A 193 1.48 -5.72 16.81
CA LEU A 193 0.25 -5.66 17.60
C LEU A 193 0.50 -5.73 19.12
N MET A 194 1.53 -6.46 19.53
CA MET A 194 1.79 -6.61 20.97
C MET A 194 2.89 -5.71 21.53
N TYR A 195 3.86 -5.32 20.70
CA TYR A 195 5.06 -4.63 21.19
C TYR A 195 5.40 -3.32 20.47
N SER A 196 4.68 -3.03 19.37
CA SER A 196 5.00 -1.89 18.48
C SER A 196 6.36 -2.04 17.81
N LYS A 197 6.73 -3.27 17.49
CA LYS A 197 8.01 -3.58 16.86
C LYS A 197 7.86 -3.43 15.35
N PHE A 198 8.24 -2.25 14.84
CA PHE A 198 8.10 -1.90 13.42
C PHE A 198 9.44 -2.08 12.75
N SER A 199 9.46 -2.76 11.60
CA SER A 199 10.70 -3.00 10.85
C SER A 199 10.36 -3.35 9.42
N SER A 200 11.39 -3.61 8.63
CA SER A 200 11.21 -4.04 7.24
C SER A 200 10.42 -5.35 7.20
N LYS A 201 10.50 -6.11 8.30
CA LYS A 201 9.78 -7.39 8.49
C LYS A 201 8.26 -7.25 8.65
N SER A 202 7.79 -6.13 9.19
CA SER A 202 6.36 -5.90 9.30
C SER A 202 5.75 -5.44 7.94
N ASP A 203 6.59 -4.86 7.10
CA ASP A 203 6.19 -4.58 5.72
C ASP A 203 6.13 -5.90 4.91
N ILE A 204 7.00 -6.86 5.26
CA ILE A 204 7.06 -8.17 4.59
C ILE A 204 5.78 -8.93 4.92
N TRP A 205 5.45 -8.94 6.22
CA TRP A 205 4.20 -9.56 6.69
C TRP A 205 3.01 -9.02 5.88
N ALA A 206 2.77 -7.71 5.98
CA ALA A 206 1.72 -7.00 5.22
C ALA A 206 1.77 -7.35 3.74
N PHE A 207 2.96 -7.51 3.16
CA PHE A 207 3.08 -7.90 1.74
C PHE A 207 2.50 -9.30 1.44
N GLY A 208 2.74 -10.24 2.35
CA GLY A 208 2.14 -11.57 2.28
C GLY A 208 0.64 -11.48 2.31
N VAL A 209 0.10 -10.66 3.22
CA VAL A 209 -1.36 -10.47 3.30
C VAL A 209 -1.86 -9.87 1.98
N LEU A 210 -1.09 -8.95 1.41
CA LEU A 210 -1.51 -8.34 0.14
C LEU A 210 -1.52 -9.36 -1.02
N MET A 211 -0.61 -10.32 -1.02
CA MET A 211 -0.59 -11.39 -2.03
C MET A 211 -1.83 -12.26 -1.91
N TRP A 212 -2.21 -12.54 -0.67
CA TRP A 212 -3.47 -13.23 -0.38
C TRP A 212 -4.69 -12.48 -0.93
N GLU A 213 -4.87 -11.22 -0.53
CA GLU A 213 -5.87 -10.32 -1.16
C GLU A 213 -6.03 -10.54 -2.67
N ILE A 214 -4.91 -10.41 -3.39
CA ILE A 214 -4.86 -10.52 -4.88
C ILE A 214 -5.38 -11.87 -5.41
N TYR A 215 -4.90 -12.97 -4.80
CA TYR A 215 -5.29 -14.31 -5.20
C TYR A 215 -6.64 -14.75 -4.69
N SER A 216 -7.14 -14.08 -3.65
CA SER A 216 -8.52 -14.29 -3.18
C SER A 216 -9.52 -13.32 -3.82
N LEU A 217 -9.02 -12.47 -4.73
CA LEU A 217 -9.80 -11.50 -5.51
C LEU A 217 -10.58 -10.48 -4.65
N GLY A 218 -9.87 -9.86 -3.71
CA GLY A 218 -10.38 -8.76 -2.90
C GLY A 218 -11.13 -9.13 -1.61
N LYS A 219 -11.14 -10.42 -1.28
CA LYS A 219 -11.70 -10.88 0.00
C LYS A 219 -10.97 -10.19 1.15
N MET A 220 -11.69 -9.89 2.24
CA MET A 220 -11.03 -9.41 3.42
C MET A 220 -10.29 -10.56 4.15
N PRO A 221 -9.02 -10.33 4.55
CA PRO A 221 -8.24 -11.35 5.28
C PRO A 221 -8.89 -11.67 6.62
N TYR A 222 -9.02 -12.98 6.93
CA TYR A 222 -9.67 -13.44 8.17
C TYR A 222 -11.10 -12.96 8.17
N GLU A 223 -11.79 -13.20 7.06
CA GLU A 223 -13.14 -12.68 6.80
C GLU A 223 -14.18 -13.14 7.81
N ARG A 224 -13.86 -14.18 8.57
CA ARG A 224 -14.79 -14.75 9.50
C ARG A 224 -14.47 -14.41 10.95
N PHE A 225 -13.41 -13.64 11.15
CA PHE A 225 -12.89 -13.26 12.48
C PHE A 225 -13.02 -11.78 12.69
N THR A 226 -13.06 -11.37 13.96
CA THR A 226 -12.88 -9.96 14.30
C THR A 226 -11.38 -9.64 14.31
N ASN A 227 -11.04 -8.35 14.42
CA ASN A 227 -9.65 -7.95 14.59
C ASN A 227 -9.04 -8.67 15.79
N SER A 228 -9.76 -8.70 16.92
CA SER A 228 -9.35 -9.45 18.13
C SER A 228 -9.12 -10.95 17.92
N GLU A 229 -10.08 -11.61 17.27
CA GLU A 229 -9.93 -13.02 16.95
C GLU A 229 -8.75 -13.27 16.00
N THR A 230 -8.47 -12.27 15.16
CA THR A 230 -7.36 -12.34 14.22
C THR A 230 -6.03 -12.32 14.98
N ALA A 231 -5.93 -11.45 15.98
CA ALA A 231 -4.70 -11.27 16.77
C ALA A 231 -4.37 -12.50 17.65
N GLU A 232 -5.39 -13.11 18.25
CA GLU A 232 -5.22 -14.35 19.01
C GLU A 232 -4.70 -15.40 18.06
N HIS A 233 -5.43 -15.55 16.95
CA HIS A 233 -5.17 -16.52 15.89
C HIS A 233 -3.69 -16.53 15.43
N ILE A 234 -3.14 -15.36 15.13
CA ILE A 234 -1.76 -15.27 14.64
C ILE A 234 -0.69 -15.36 15.74
N ALA A 235 -1.07 -15.00 16.98
CA ALA A 235 -0.23 -15.21 18.16
C ALA A 235 -0.10 -16.70 18.52
N GLN A 236 -1.13 -17.49 18.18
CA GLN A 236 -1.09 -18.95 18.31
C GLN A 236 -0.38 -19.65 17.15
N GLY A 237 0.21 -18.89 16.22
CA GLY A 237 0.95 -19.49 15.11
C GLY A 237 0.07 -19.97 13.96
N LEU A 238 -1.20 -19.59 14.00
CA LEU A 238 -2.13 -19.91 12.93
C LEU A 238 -2.16 -18.83 11.83
N ARG A 239 -2.36 -19.25 10.58
CA ARG A 239 -2.24 -18.34 9.46
C ARG A 239 -3.47 -18.35 8.50
N LEU A 240 -3.44 -17.51 7.47
CA LEU A 240 -4.43 -17.53 6.39
C LEU A 240 -4.32 -18.80 5.51
N TYR A 241 -5.47 -19.32 5.08
CA TYR A 241 -5.58 -20.53 4.25
C TYR A 241 -5.20 -20.18 2.80
N ARG A 242 -4.87 -21.19 1.99
CA ARG A 242 -4.58 -21.00 0.57
C ARG A 242 -5.82 -20.58 -0.22
N PRO A 243 -5.75 -19.43 -0.94
CA PRO A 243 -6.80 -19.07 -1.90
C PRO A 243 -6.82 -20.11 -3.01
N HIS A 244 -8.01 -20.44 -3.52
CA HIS A 244 -8.14 -21.52 -4.52
C HIS A 244 -7.23 -21.35 -5.71
N LEU A 245 -7.09 -20.09 -6.13
CA LEU A 245 -6.33 -19.70 -7.31
C LEU A 245 -4.81 -19.67 -7.09
N ALA A 246 -4.37 -19.88 -5.85
CA ALA A 246 -2.93 -19.97 -5.54
C ALA A 246 -2.48 -21.43 -5.67
N SER A 247 -1.41 -21.66 -6.42
CA SER A 247 -0.78 -22.99 -6.44
C SER A 247 -0.05 -23.22 -5.11
N ALA A 248 0.52 -24.40 -4.93
CA ALA A 248 1.37 -24.67 -3.77
C ALA A 248 2.51 -23.65 -3.70
N ALA A 249 3.18 -23.43 -4.83
CA ALA A 249 4.33 -22.52 -4.97
C ALA A 249 3.99 -21.07 -4.62
N VAL A 250 2.81 -20.61 -5.05
CA VAL A 250 2.38 -19.24 -4.73
C VAL A 250 2.03 -19.10 -3.22
N TYR A 251 1.27 -20.08 -2.71
CA TYR A 251 0.94 -20.11 -1.28
C TYR A 251 2.19 -20.13 -0.38
N THR A 252 3.19 -20.93 -0.76
CA THR A 252 4.47 -21.01 -0.03
C THR A 252 5.16 -19.64 0.06
N ILE A 253 5.10 -18.87 -1.04
CA ILE A 253 5.64 -17.50 -1.03
C ILE A 253 4.98 -16.58 0.02
N MET A 254 3.66 -16.42 -0.03
CA MET A 254 2.99 -15.55 0.97
C MET A 254 3.22 -15.99 2.42
N TYR A 255 3.14 -17.30 2.66
CA TYR A 255 3.37 -17.90 3.97
C TYR A 255 4.77 -17.63 4.53
N SER A 256 5.75 -17.52 3.63
CA SER A 256 7.13 -17.23 4.05
C SER A 256 7.18 -15.84 4.73
N CYS A 257 6.35 -14.92 4.24
CA CYS A 257 6.14 -13.60 4.82
C CYS A 257 5.59 -13.59 6.26
N TRP A 258 5.08 -14.74 6.69
CA TRP A 258 4.34 -14.85 7.97
C TRP A 258 5.01 -15.68 9.05
N HIS A 259 6.31 -15.96 8.91
CA HIS A 259 7.10 -16.62 9.99
C HIS A 259 6.90 -15.91 11.34
N GLU A 260 6.79 -16.67 12.43
CA GLU A 260 6.61 -16.03 13.76
C GLU A 260 7.86 -15.26 14.24
N LYS A 261 9.05 -15.68 13.80
CA LYS A 261 10.28 -14.94 14.03
C LYS A 261 10.51 -13.95 12.90
N ALA A 262 10.46 -12.66 13.23
CA ALA A 262 10.53 -11.58 12.24
C ALA A 262 11.74 -11.73 11.33
N ASP A 263 12.89 -12.01 11.95
CA ASP A 263 14.17 -12.12 11.25
C ASP A 263 14.30 -13.35 10.36
N GLU A 264 13.27 -14.21 10.34
CA GLU A 264 13.29 -15.41 9.53
C GLU A 264 12.46 -15.20 8.28
N ARG A 265 11.69 -14.13 8.26
CA ARG A 265 10.91 -13.75 7.07
C ARG A 265 11.86 -13.27 5.97
N PRO A 266 11.52 -13.51 4.69
CA PRO A 266 12.42 -13.12 3.60
C PRO A 266 12.52 -11.61 3.40
N THR A 267 13.54 -11.17 2.65
CA THR A 267 13.61 -9.79 2.12
C THR A 267 12.70 -9.64 0.90
N PHE A 268 12.48 -8.42 0.43
CA PHE A 268 11.72 -8.23 -0.80
C PHE A 268 12.51 -8.69 -2.01
N LYS A 269 13.83 -8.68 -1.89
CA LYS A 269 14.74 -9.16 -2.90
C LYS A 269 14.50 -10.65 -3.16
N ILE A 270 14.46 -11.42 -2.07
CA ILE A 270 14.20 -12.87 -2.11
C ILE A 270 12.78 -13.15 -2.66
N LEU A 271 11.79 -12.41 -2.17
CA LEU A 271 10.42 -12.53 -2.64
C LEU A 271 10.27 -12.28 -4.15
N LEU A 272 10.95 -11.25 -4.64
CA LEU A 272 10.92 -10.93 -6.06
C LEU A 272 11.45 -12.07 -6.90
N SER A 273 12.51 -12.72 -6.42
CA SER A 273 13.16 -13.80 -7.18
C SER A 273 12.29 -15.06 -7.10
N ASN A 274 11.62 -15.21 -5.96
CA ASN A 274 10.60 -16.24 -5.71
C ASN A 274 9.45 -16.14 -6.72
N ILE A 275 8.91 -14.93 -6.87
CA ILE A 275 7.83 -14.64 -7.82
C ILE A 275 8.28 -14.92 -9.26
N LEU A 276 9.42 -14.37 -9.66
CA LEU A 276 10.01 -14.68 -10.97
C LEU A 276 10.04 -16.20 -11.27
N ASP A 277 10.42 -17.00 -10.26
CA ASP A 277 10.51 -18.46 -10.39
C ASP A 277 9.20 -19.10 -10.79
N VAL A 278 8.15 -18.78 -10.06
CA VAL A 278 6.82 -19.32 -10.34
C VAL A 278 6.36 -18.89 -11.73
N MET A 279 6.56 -17.62 -12.06
CA MET A 279 6.27 -17.14 -13.41
C MET A 279 6.87 -18.12 -14.43
N ASP A 280 8.17 -18.36 -14.33
CA ASP A 280 8.90 -19.30 -15.21
C ASP A 280 8.42 -20.74 -15.18
N GLU A 281 7.96 -21.17 -14.00
CA GLU A 281 7.60 -22.56 -13.74
C GLU A 281 6.14 -22.92 -14.10
N GLU A 282 5.21 -21.98 -13.93
CA GLU A 282 3.77 -22.29 -13.89
C GLU A 282 2.88 -21.51 -14.85
C1 3P0 B . -6.61 7.89 -8.00
C2 3P0 B . -7.21 7.91 -6.75
C3 3P0 B . -6.49 8.41 -5.62
C4 3P0 B . -5.20 8.87 -5.80
C5 3P0 B . -5.25 8.35 -8.13
N6 3P0 B . -4.59 8.84 -7.03
N7 3P0 B . -7.25 7.41 -9.16
C8 3P0 B . -7.09 8.46 -4.24
C9 3P0 B . -8.37 9.02 -4.07
C10 3P0 B . -8.98 9.12 -2.83
C11 3P0 B . -8.34 8.64 -1.70
C12 3P0 B . -7.07 8.07 -1.82
C13 3P0 B . -6.42 7.98 -3.08
N14 3P0 B . -6.38 7.62 -0.68
C15 3P0 B . -6.47 6.19 -0.35
C16 3P0 B . -5.21 5.66 0.35
C17 3P0 B . -5.64 8.53 0.05
C18 3P0 B . -4.86 8.04 1.24
C19 3P0 B . -4.66 6.65 1.36
C20 3P0 B . -3.93 6.15 2.43
C21 3P0 B . -3.37 7.00 3.38
C22 3P0 B . -3.56 8.37 3.26
C23 3P0 B . -4.28 8.90 2.20
O24 3P0 B . -5.60 9.72 -0.24
C25 3P0 B . -5.03 7.36 -3.18
O26 3P0 B . -4.02 8.20 -2.65
C27 3P0 B . -3.22 9.32 -7.13
O28 3P0 B . -4.71 8.32 -9.24
C29 3P0 B . -8.60 7.08 -9.33
C30 3P0 B . -9.07 6.82 -10.63
C31 3P0 B . -10.40 6.50 -10.83
C32 3P0 B . -11.26 6.43 -9.71
C33 3P0 B . -10.72 6.71 -8.45
N34 3P0 B . -9.43 7.01 -8.29
N35 3P0 B . -12.64 6.13 -9.86
C36 3P0 B . -13.14 6.74 -11.12
C37 3P0 B . -14.67 6.54 -11.30
N38 3P0 B . -15.41 7.08 -10.15
C39 3P0 B . -14.94 6.47 -8.88
C40 3P0 B . -13.42 6.64 -8.70
C41 3P0 B . -2.63 6.40 4.54
C42 3P0 B . -1.55 5.48 4.10
C43 3P0 B . -2.05 7.49 5.45
C44 3P0 B . -3.69 5.63 5.33
N45 3P0 B . -0.72 4.77 3.75
C46 3P0 B . -16.87 6.91 -10.32
F47 3P0 B . -4.41 10.24 2.14
#